data_5E2U
#
_entry.id   5E2U
#
_cell.length_a   94.690
_cell.length_b   107.380
_cell.length_c   108.570
_cell.angle_alpha   90.00
_cell.angle_beta   90.00
_cell.angle_gamma   90.00
#
_symmetry.space_group_name_H-M   'I 2 2 2'
#
loop_
_entity.id
_entity.type
_entity.pdbx_description
1 polymer 'AT8 LIGHT CHAIN'
2 polymer 'AT8 HEAVY CHAIN'
3 non-polymer 'SULFATE ION'
4 water water
#
loop_
_entity_poly.entity_id
_entity_poly.type
_entity_poly.pdbx_seq_one_letter_code
_entity_poly.pdbx_strand_id
1 'polypeptide(L)'
;DIVMTQAAPSVPVTPGESVSISCRSSKSLLHSNGNTYLYWFLQRPGQSPQLLIHRMSNLASGVPDRFSGSGSGTAFTLRI
SRVEAEDVGVYYCMQHLEYPYTFGGGTRLEVKRTVAAPSVFIFPPSDEQLKSGTASVVCLLNNFYPREAKVQWKVDNALQ
SGNSQESVTEQDSKDSTYSLSSTLTLSKADYEKHKVYACEVTHQGLSSPVTKSFNRGEC
;
L
2 'polypeptide(L)'
;DVQLQESGPGLVKPSQSLSLTCSVTDYSITSGYYWNWIRQFPGNKLEWMGYISYDGSNNYNPSLKNRISITRDPSKDQFF
LNLNSVTTEDTATYYCTRGSLVWGQGTLVTVSAASTKGPSVFPLAPSSKSTSGGTAALGCLVKDYFPEPVTVSWNSGALT
SGVHTFPAVLQSSGLYSLSSVVTVPSSSLGTQTYICNVNHKPSNTKVDKKVEPKSCHHHHHH
;
H
#
loop_
_chem_comp.id
_chem_comp.type
_chem_comp.name
_chem_comp.formula
SO4 non-polymer 'SULFATE ION' 'O4 S -2'
#
# COMPACT_ATOMS: atom_id res chain seq x y z
N ASP A 1 -16.01 25.50 -7.62
CA ASP A 1 -15.08 24.52 -7.01
C ASP A 1 -13.74 25.19 -6.75
N ILE A 2 -13.21 25.00 -5.55
CA ILE A 2 -11.87 25.48 -5.21
C ILE A 2 -10.87 24.42 -5.64
N VAL A 3 -9.85 24.82 -6.40
CA VAL A 3 -8.76 23.91 -6.78
C VAL A 3 -7.55 24.10 -5.88
N MET A 4 -7.02 22.99 -5.38
CA MET A 4 -5.89 22.98 -4.48
C MET A 4 -4.69 22.38 -5.19
N THR A 5 -3.60 23.15 -5.25
CA THR A 5 -2.41 22.79 -6.02
C THR A 5 -1.25 22.56 -5.08
N GLN A 6 -0.55 21.45 -5.28
CA GLN A 6 0.73 21.18 -4.63
C GLN A 6 1.76 20.92 -5.72
N ALA A 7 2.50 21.96 -6.08
CA ALA A 7 3.42 21.95 -7.22
C ALA A 7 4.60 20.97 -7.13
N ALA A 8 4.99 20.60 -5.91
CA ALA A 8 6.03 19.60 -5.75
C ALA A 8 5.38 18.25 -5.46
N PRO A 9 5.57 17.27 -6.36
CA PRO A 9 5.11 15.90 -6.13
C PRO A 9 5.92 15.22 -5.04
N SER A 10 7.14 15.70 -4.80
CA SER A 10 7.96 15.23 -3.68
C SER A 10 8.98 16.27 -3.25
N VAL A 11 9.44 16.14 -2.00
CA VAL A 11 10.49 16.98 -1.45
C VAL A 11 11.54 16.12 -0.74
N PRO A 12 12.81 16.22 -1.17
CA PRO A 12 13.89 15.54 -0.45
C PRO A 12 14.30 16.32 0.79
N VAL A 13 14.76 15.61 1.82
CA VAL A 13 15.27 16.27 3.02
C VAL A 13 16.24 15.37 3.75
N THR A 14 17.34 15.98 4.21
CA THR A 14 18.32 15.32 5.06
C THR A 14 17.70 15.18 6.45
N PRO A 15 17.87 14.00 7.09
CA PRO A 15 17.28 13.87 8.43
C PRO A 15 17.89 14.90 9.38
N GLY A 16 17.07 15.41 10.29
CA GLY A 16 17.50 16.44 11.23
C GLY A 16 17.32 17.86 10.71
N GLU A 17 17.32 18.02 9.38
CA GLU A 17 17.08 19.32 8.77
C GLU A 17 15.58 19.61 8.71
N SER A 18 15.20 20.80 8.23
CA SER A 18 13.79 21.16 8.15
C SER A 18 13.29 21.27 6.72
N VAL A 19 11.98 21.12 6.53
CA VAL A 19 11.39 21.13 5.20
C VAL A 19 10.05 21.87 5.15
N SER A 20 9.76 22.49 4.00
CA SER A 20 8.48 23.16 3.77
C SER A 20 7.71 22.52 2.63
N ILE A 21 6.46 22.20 2.88
CA ILE A 21 5.54 21.71 1.85
C ILE A 21 4.55 22.82 1.54
N SER A 22 4.42 23.15 0.25
CA SER A 22 3.60 24.28 -0.16
C SER A 22 2.29 23.87 -0.84
N CYS A 23 1.27 24.70 -0.66
CA CYS A 23 -0.06 24.44 -1.20
C CYS A 23 -0.71 25.78 -1.56
N ARG A 24 -1.45 25.79 -2.67
CA ARG A 24 -2.14 27.00 -3.13
C ARG A 24 -3.61 26.72 -3.44
N SER A 25 -4.47 27.69 -3.15
CA SER A 25 -5.89 27.60 -3.50
C SER A 25 -6.27 28.64 -4.53
N SER A 26 -7.17 28.26 -5.43
CA SER A 26 -7.67 29.15 -6.48
C SER A 26 -8.56 30.27 -5.93
N LYS A 27 -8.97 30.14 -4.68
CA LYS A 27 -9.87 31.10 -4.06
C LYS A 27 -9.53 31.22 -2.58
N SER A 28 -9.59 32.44 -2.05
CA SER A 28 -9.18 32.71 -0.67
C SER A 28 -9.88 31.81 0.34
N LEU A 29 -9.12 31.30 1.30
CA LEU A 29 -9.67 30.44 2.35
C LEU A 29 -9.84 31.14 3.71
N LEU A 30 -10.12 32.44 3.68
CA LEU A 30 -10.38 33.20 4.91
C LEU A 30 -11.86 33.60 5.04
N HIS A 31 -12.39 33.50 6.27
CA HIS A 31 -13.73 34.02 6.58
C HIS A 31 -13.77 34.70 7.96
N GLY A 34 -11.18 36.06 10.10
CA GLY A 34 -9.89 35.71 10.71
C GLY A 34 -9.43 34.28 10.47
N ASN A 35 -10.37 33.33 10.53
CA ASN A 35 -10.08 31.89 10.39
C ASN A 35 -9.65 31.46 8.99
N THR A 36 -8.81 30.43 8.94
CA THR A 36 -8.35 29.85 7.68
C THR A 36 -8.75 28.36 7.55
N TYR A 37 -9.49 28.05 6.50
CA TYR A 37 -10.13 26.74 6.34
C TYR A 37 -9.27 25.78 5.52
N LEU A 38 -8.08 25.48 6.04
CA LEU A 38 -7.12 24.63 5.37
C LEU A 38 -6.71 23.54 6.34
N TYR A 39 -6.78 22.29 5.89
CA TYR A 39 -6.28 21.15 6.68
C TYR A 39 -5.06 20.54 6.01
N TRP A 40 -4.21 19.92 6.80
CA TRP A 40 -3.10 19.12 6.31
C TRP A 40 -3.24 17.68 6.78
N PHE A 41 -3.01 16.74 5.86
CA PHE A 41 -3.03 15.32 6.17
C PHE A 41 -1.70 14.67 5.81
N LEU A 42 -1.29 13.72 6.64
CA LEU A 42 -0.23 12.80 6.32
C LEU A 42 -0.85 11.45 6.03
N GLN A 43 -0.40 10.83 4.94
CA GLN A 43 -0.74 9.44 4.67
C GLN A 43 0.51 8.58 4.60
N ARG A 44 0.62 7.68 5.55
CA ARG A 44 1.67 6.66 5.58
C ARG A 44 1.23 5.48 4.72
N PRO A 45 2.19 4.80 4.04
CA PRO A 45 1.85 3.66 3.18
C PRO A 45 0.96 2.62 3.86
N GLY A 46 -0.07 2.16 3.15
CA GLY A 46 -1.02 1.16 3.65
C GLY A 46 -2.11 1.69 4.56
N GLN A 47 -2.03 2.97 4.91
CA GLN A 47 -2.95 3.55 5.91
C GLN A 47 -3.83 4.66 5.37
N SER A 48 -4.97 4.87 6.03
CA SER A 48 -5.84 5.98 5.75
C SER A 48 -5.11 7.29 6.08
N PRO A 49 -5.43 8.38 5.38
CA PRO A 49 -4.94 9.71 5.74
C PRO A 49 -5.24 10.08 7.18
N GLN A 50 -4.33 10.83 7.80
CA GLN A 50 -4.51 11.26 9.18
C GLN A 50 -4.31 12.75 9.33
N LEU A 51 -5.21 13.37 10.09
CA LEU A 51 -5.24 14.81 10.21
C LEU A 51 -4.07 15.29 11.07
N LEU A 52 -3.38 16.32 10.59
CA LEU A 52 -2.41 17.06 11.37
C LEU A 52 -3.02 18.38 11.85
N ASP A 65 4.11 18.96 17.33
CA ASP A 65 4.80 20.18 17.78
C ASP A 65 5.87 20.64 16.78
N ARG A 66 6.42 19.69 16.03
CA ARG A 66 7.37 19.99 14.94
C ARG A 66 6.64 20.42 13.65
N PHE A 67 5.40 19.96 13.49
CA PHE A 67 4.55 20.36 12.39
C PHE A 67 3.90 21.70 12.71
N SER A 68 3.99 22.65 11.79
CA SER A 68 3.30 23.93 11.94
C SER A 68 2.80 24.43 10.59
N GLY A 69 1.65 25.09 10.61
CA GLY A 69 1.01 25.62 9.42
C GLY A 69 1.07 27.13 9.41
N SER A 70 1.29 27.69 8.23
CA SER A 70 1.34 29.13 8.05
C SER A 70 0.77 29.47 6.68
N GLY A 71 0.59 30.77 6.43
CA GLY A 71 0.22 31.25 5.10
C GLY A 71 -0.84 32.32 5.10
N SER A 72 -1.10 32.85 3.91
CA SER A 72 -2.10 33.88 3.69
C SER A 72 -3.46 33.24 3.39
N GLY A 73 -4.15 33.75 2.37
CA GLY A 73 -5.48 33.26 2.03
C GLY A 73 -5.51 32.30 0.85
N THR A 74 -4.45 32.31 0.03
CA THR A 74 -4.34 31.39 -1.11
C THR A 74 -3.00 30.64 -1.16
N ALA A 75 -2.12 30.90 -0.21
CA ALA A 75 -0.78 30.33 -0.23
C ALA A 75 -0.39 29.82 1.15
N PHE A 76 -0.13 28.53 1.25
CA PHE A 76 0.02 27.91 2.55
C PHE A 76 1.28 27.07 2.60
N THR A 77 1.74 26.82 3.82
CA THR A 77 2.99 26.15 4.06
C THR A 77 2.82 25.24 5.25
N LEU A 78 3.17 23.98 5.07
CA LEU A 78 3.37 23.07 6.19
C LEU A 78 4.86 22.96 6.42
N ARG A 79 5.31 23.34 7.61
CA ARG A 79 6.71 23.26 7.94
C ARG A 79 6.92 22.10 8.89
N ILE A 80 7.85 21.23 8.52
CA ILE A 80 8.21 20.11 9.35
C ILE A 80 9.60 20.43 9.87
N SER A 81 9.67 20.65 11.17
CA SER A 81 10.92 20.99 11.85
C SER A 81 11.65 19.71 12.18
N ARG A 82 12.97 19.71 12.00
CA ARG A 82 13.83 18.56 12.30
C ARG A 82 13.22 17.22 11.86
N VAL A 83 13.14 17.01 10.55
CA VAL A 83 12.53 15.83 9.96
C VAL A 83 13.17 14.55 10.47
N GLU A 84 12.33 13.61 10.91
CA GLU A 84 12.79 12.30 11.35
C GLU A 84 12.46 11.27 10.28
N ALA A 85 13.16 10.15 10.30
CA ALA A 85 12.88 9.03 9.40
C ALA A 85 11.40 8.65 9.41
N GLU A 86 10.75 8.83 10.55
CA GLU A 86 9.35 8.48 10.76
C GLU A 86 8.34 9.44 10.11
N ASP A 87 8.83 10.55 9.53
CA ASP A 87 7.94 11.54 8.90
C ASP A 87 7.60 11.22 7.44
N VAL A 88 8.24 10.19 6.88
CA VAL A 88 8.02 9.85 5.47
C VAL A 88 6.56 9.51 5.21
N GLY A 89 6.14 9.75 3.98
CA GLY A 89 4.77 9.56 3.58
C GLY A 89 4.37 10.73 2.70
N VAL A 90 3.08 10.81 2.39
CA VAL A 90 2.56 11.78 1.44
C VAL A 90 1.75 12.81 2.21
N TYR A 91 1.99 14.08 1.93
CA TYR A 91 1.31 15.15 2.65
C TYR A 91 0.32 15.83 1.73
N TYR A 92 -0.91 15.95 2.21
CA TYR A 92 -2.00 16.55 1.44
C TYR A 92 -2.56 17.76 2.20
N CYS A 93 -2.91 18.80 1.46
CA CYS A 93 -3.71 19.88 1.99
C CYS A 93 -5.16 19.69 1.52
N MET A 94 -6.10 20.21 2.30
CA MET A 94 -7.50 20.16 1.93
C MET A 94 -8.18 21.46 2.32
N GLN A 95 -8.94 22.03 1.40
CA GLN A 95 -9.81 23.14 1.79
C GLN A 95 -11.11 22.59 2.39
N HIS A 96 -11.58 23.22 3.46
CA HIS A 96 -12.89 22.92 4.00
C HIS A 96 -13.73 24.20 4.14
N LEU A 97 -13.52 25.12 3.21
CA LEU A 97 -14.29 26.36 3.15
C LEU A 97 -15.66 26.07 2.57
N GLU A 98 -15.69 25.49 1.38
CA GLU A 98 -16.95 25.25 0.69
C GLU A 98 -17.02 23.87 0.04
N TYR A 99 -18.22 23.28 0.05
CA TYR A 99 -18.44 22.02 -0.64
C TYR A 99 -18.50 22.24 -2.14
N PRO A 100 -17.87 21.32 -2.91
CA PRO A 100 -17.20 20.13 -2.38
C PRO A 100 -15.80 20.41 -1.81
N TYR A 101 -15.46 19.77 -0.69
CA TYR A 101 -14.10 19.84 -0.16
C TYR A 101 -13.13 19.23 -1.17
N THR A 102 -11.99 19.87 -1.36
CA THR A 102 -11.04 19.46 -2.39
C THR A 102 -9.61 19.40 -1.84
N PHE A 103 -8.83 18.48 -2.39
CA PHE A 103 -7.50 18.19 -1.90
C PHE A 103 -6.47 18.59 -2.94
N GLY A 104 -5.25 18.85 -2.49
CA GLY A 104 -4.11 18.91 -3.40
C GLY A 104 -3.67 17.49 -3.73
N GLY A 105 -2.95 17.32 -4.83
CA GLY A 105 -2.50 15.99 -5.31
C GLY A 105 -1.44 15.28 -4.44
N GLY A 106 -0.99 15.96 -3.39
CA GLY A 106 -0.04 15.38 -2.43
C GLY A 106 1.43 15.60 -2.73
N THR A 107 2.24 15.57 -1.67
CA THR A 107 3.67 15.75 -1.78
C THR A 107 4.37 14.69 -0.95
N ARG A 108 5.21 13.88 -1.57
CA ARG A 108 5.91 12.82 -0.86
C ARG A 108 7.18 13.35 -0.18
N LEU A 109 7.28 13.14 1.13
CA LEU A 109 8.49 13.48 1.86
C LEU A 109 9.50 12.33 1.79
N GLU A 110 10.59 12.56 1.06
CA GLU A 110 11.64 11.57 0.91
C GLU A 110 12.90 11.93 1.68
N VAL A 111 13.28 11.08 2.62
CA VAL A 111 14.51 11.27 3.39
C VAL A 111 15.72 10.84 2.56
N LYS A 112 16.70 11.73 2.47
CA LYS A 112 17.99 11.42 1.85
C LYS A 112 18.96 11.01 2.96
N ARG A 113 19.36 9.74 2.98
CA ARG A 113 20.29 9.24 3.98
C ARG A 113 21.60 8.81 3.31
N THR A 114 22.48 8.22 4.10
CA THR A 114 23.75 7.72 3.62
C THR A 114 23.54 6.42 2.84
N VAL A 115 24.55 6.05 2.05
CA VAL A 115 24.50 4.80 1.30
C VAL A 115 24.38 3.63 2.27
N ALA A 116 23.61 2.63 1.88
CA ALA A 116 23.51 1.38 2.61
C ALA A 116 23.35 0.28 1.58
N ALA A 117 24.23 -0.72 1.66
CA ALA A 117 24.24 -1.82 0.71
C ALA A 117 23.21 -2.87 1.11
N PRO A 118 22.63 -3.57 0.12
CA PRO A 118 21.63 -4.58 0.42
C PRO A 118 22.23 -5.90 0.88
N SER A 119 21.54 -6.57 1.79
CA SER A 119 21.73 -7.99 2.02
C SER A 119 20.90 -8.70 0.95
N VAL A 120 21.54 -9.65 0.28
CA VAL A 120 20.91 -10.37 -0.80
C VAL A 120 20.62 -11.82 -0.40
N PHE A 121 19.44 -12.29 -0.77
CA PHE A 121 18.98 -13.65 -0.50
C PHE A 121 18.31 -14.19 -1.75
N ILE A 122 18.50 -15.48 -2.03
CA ILE A 122 17.82 -16.13 -3.14
C ILE A 122 16.93 -17.27 -2.61
N PHE A 123 15.76 -17.43 -3.22
CA PHE A 123 14.85 -18.50 -2.81
C PHE A 123 14.46 -19.31 -4.05
N PRO A 124 14.61 -20.64 -3.99
CA PRO A 124 14.16 -21.57 -5.02
C PRO A 124 12.64 -21.74 -5.02
N PRO A 125 12.08 -22.27 -6.13
CA PRO A 125 10.69 -22.70 -6.19
C PRO A 125 10.39 -23.72 -5.10
N SER A 126 9.21 -23.62 -4.49
CA SER A 126 8.75 -24.60 -3.51
C SER A 126 8.27 -25.85 -4.23
N ASP A 127 8.33 -26.99 -3.56
CA ASP A 127 7.82 -28.24 -4.13
C ASP A 127 6.32 -28.13 -4.43
N GLU A 128 5.58 -27.51 -3.51
CA GLU A 128 4.16 -27.22 -3.71
C GLU A 128 3.87 -26.49 -5.03
N GLN A 129 4.64 -25.44 -5.34
CA GLN A 129 4.43 -24.70 -6.59
C GLN A 129 4.76 -25.55 -7.82
N LEU A 130 5.76 -26.42 -7.68
CA LEU A 130 6.21 -27.24 -8.80
C LEU A 130 5.18 -28.27 -9.30
N LYS A 131 4.16 -28.55 -8.50
CA LYS A 131 3.05 -29.37 -8.96
C LYS A 131 2.21 -28.68 -10.04
N SER A 132 2.39 -27.37 -10.21
CA SER A 132 1.56 -26.54 -11.10
C SER A 132 2.10 -26.30 -12.52
N GLY A 133 3.38 -26.59 -12.74
CA GLY A 133 3.96 -26.30 -14.06
C GLY A 133 4.59 -24.92 -14.18
N THR A 134 4.63 -24.19 -13.06
CA THR A 134 5.29 -22.89 -12.99
C THR A 134 6.30 -22.92 -11.85
N ALA A 135 7.42 -22.25 -12.06
CA ALA A 135 8.44 -22.12 -11.03
C ALA A 135 8.75 -20.65 -10.84
N SER A 136 8.58 -20.15 -9.61
CA SER A 136 8.97 -18.78 -9.28
C SER A 136 10.24 -18.80 -8.45
N VAL A 137 11.24 -18.05 -8.90
CA VAL A 137 12.49 -17.94 -8.19
C VAL A 137 12.61 -16.49 -7.72
N VAL A 138 12.82 -16.32 -6.42
CA VAL A 138 12.80 -14.98 -5.82
C VAL A 138 14.16 -14.53 -5.29
N CYS A 139 14.57 -13.33 -5.72
N CYS A 139 14.58 -13.34 -5.71
CA CYS A 139 15.75 -12.67 -5.19
CA CYS A 139 15.78 -12.70 -5.18
C CYS A 139 15.31 -11.50 -4.31
C CYS A 139 15.40 -11.46 -4.35
N LEU A 140 15.88 -11.43 -3.11
CA LEU A 140 15.55 -10.36 -2.17
C LEU A 140 16.75 -9.44 -1.89
N LEU A 141 16.48 -8.13 -1.92
CA LEU A 141 17.47 -7.10 -1.58
C LEU A 141 16.85 -6.30 -0.46
N ASN A 142 17.44 -6.42 0.73
CA ASN A 142 16.91 -5.80 1.94
C ASN A 142 17.59 -4.50 2.33
N ASN A 143 16.77 -3.54 2.72
CA ASN A 143 17.23 -2.32 3.42
C ASN A 143 18.46 -1.64 2.83
N PHE A 144 18.33 -1.22 1.58
CA PHE A 144 19.41 -0.51 0.91
C PHE A 144 19.07 0.96 0.63
N TYR A 145 20.10 1.74 0.33
CA TYR A 145 19.94 3.12 -0.08
C TYR A 145 21.11 3.54 -0.97
N PRO A 146 20.85 4.31 -2.05
CA PRO A 146 19.55 4.81 -2.54
C PRO A 146 18.71 3.73 -3.23
N ARG A 147 17.56 4.14 -3.76
CA ARG A 147 16.56 3.24 -4.35
C ARG A 147 17.05 2.46 -5.57
N GLU A 148 17.91 3.08 -6.38
CA GLU A 148 18.39 2.45 -7.62
C GLU A 148 19.27 1.24 -7.35
N ALA A 149 18.97 0.15 -8.05
CA ALA A 149 19.71 -1.11 -7.94
C ALA A 149 19.52 -1.89 -9.23
N LYS A 150 20.53 -2.68 -9.59
CA LYS A 150 20.42 -3.55 -10.76
C LYS A 150 20.40 -5.01 -10.34
N VAL A 151 19.41 -5.75 -10.82
CA VAL A 151 19.30 -7.18 -10.57
C VAL A 151 19.41 -7.95 -11.88
N GLN A 152 20.27 -8.96 -11.91
CA GLN A 152 20.45 -9.80 -13.10
C GLN A 152 20.28 -11.28 -12.75
N TRP A 153 19.51 -11.99 -13.56
CA TRP A 153 19.32 -13.43 -13.39
C TRP A 153 20.09 -14.22 -14.42
N LYS A 154 20.73 -15.29 -13.97
CA LYS A 154 21.39 -16.25 -14.85
C LYS A 154 20.92 -17.67 -14.55
N VAL A 155 20.61 -18.41 -15.62
CA VAL A 155 20.21 -19.80 -15.52
C VAL A 155 21.25 -20.62 -16.29
N ASP A 156 21.94 -21.50 -15.56
CA ASP A 156 23.16 -22.16 -16.04
C ASP A 156 24.12 -21.15 -16.68
N ASN A 157 24.26 -19.99 -16.05
CA ASN A 157 25.13 -18.90 -16.52
C ASN A 157 24.63 -18.15 -17.77
N ALA A 158 23.48 -18.55 -18.29
CA ALA A 158 22.85 -17.81 -19.39
C ALA A 158 21.95 -16.68 -18.87
N LEU A 159 22.21 -15.46 -19.34
CA LEU A 159 21.53 -14.25 -18.90
C LEU A 159 20.03 -14.27 -19.24
N GLN A 160 19.19 -14.12 -18.21
CA GLN A 160 17.73 -14.13 -18.40
C GLN A 160 17.19 -12.77 -18.82
N SER A 161 16.19 -12.80 -19.70
CA SER A 161 15.66 -11.58 -20.28
C SER A 161 14.15 -11.69 -20.40
N GLY A 162 13.44 -10.67 -19.92
CA GLY A 162 11.99 -10.55 -20.14
C GLY A 162 11.06 -11.33 -19.22
N ASN A 163 11.63 -12.19 -18.38
CA ASN A 163 10.86 -13.07 -17.51
C ASN A 163 11.09 -12.82 -16.01
N SER A 164 11.50 -11.61 -15.68
CA SER A 164 11.69 -11.21 -14.29
C SER A 164 10.96 -9.92 -14.02
N GLN A 165 10.54 -9.73 -12.78
CA GLN A 165 9.82 -8.52 -12.38
C GLN A 165 10.28 -8.06 -11.02
N GLU A 166 10.58 -6.76 -10.93
CA GLU A 166 11.04 -6.11 -9.71
C GLU A 166 9.88 -5.35 -9.06
N SER A 167 9.77 -5.49 -7.74
CA SER A 167 8.85 -4.70 -6.94
C SER A 167 9.62 -4.11 -5.76
N VAL A 168 9.38 -2.85 -5.46
CA VAL A 168 10.12 -2.11 -4.44
C VAL A 168 9.17 -1.52 -3.40
N THR A 169 9.55 -1.58 -2.14
CA THR A 169 8.77 -0.96 -1.06
C THR A 169 8.91 0.56 -1.06
N GLU A 170 7.99 1.24 -0.40
CA GLU A 170 8.16 2.67 -0.11
C GLU A 170 9.25 2.80 0.96
N GLN A 171 9.72 4.02 1.16
CA GLN A 171 10.83 4.26 2.07
C GLN A 171 10.47 3.82 3.49
N ASP A 172 11.36 3.04 4.10
CA ASP A 172 11.20 2.54 5.46
C ASP A 172 11.10 3.66 6.50
N SER A 173 10.11 3.55 7.39
CA SER A 173 9.85 4.54 8.46
C SER A 173 10.93 4.61 9.53
N LYS A 174 11.74 3.56 9.62
CA LYS A 174 12.69 3.41 10.72
C LYS A 174 14.11 3.81 10.30
N ASP A 175 14.50 3.45 9.07
CA ASP A 175 15.88 3.61 8.65
C ASP A 175 16.05 4.30 7.29
N SER A 176 14.95 4.68 6.66
CA SER A 176 14.95 5.45 5.39
C SER A 176 15.47 4.66 4.20
N THR A 177 15.41 3.34 4.31
CA THR A 177 15.86 2.47 3.22
C THR A 177 14.70 1.95 2.37
N TYR A 178 15.05 1.19 1.35
CA TYR A 178 14.09 0.54 0.48
C TYR A 178 14.45 -0.94 0.45
N SER A 179 13.48 -1.77 0.12
CA SER A 179 13.73 -3.18 -0.18
C SER A 179 13.09 -3.53 -1.51
N LEU A 180 13.55 -4.62 -2.12
CA LEU A 180 13.18 -4.93 -3.48
C LEU A 180 13.12 -6.44 -3.67
N SER A 181 12.02 -6.92 -4.26
CA SER A 181 11.93 -8.32 -4.70
C SER A 181 12.03 -8.42 -6.22
N SER A 182 12.89 -9.31 -6.69
CA SER A 182 12.95 -9.67 -8.10
C SER A 182 12.47 -11.10 -8.23
N THR A 183 11.48 -11.31 -9.11
CA THR A 183 10.89 -12.63 -9.30
C THR A 183 11.09 -13.12 -10.72
N LEU A 184 11.78 -14.25 -10.85
CA LEU A 184 11.94 -14.92 -12.13
C LEU A 184 10.81 -15.95 -12.29
N THR A 185 10.02 -15.80 -13.35
CA THR A 185 8.96 -16.77 -13.61
C THR A 185 9.37 -17.67 -14.77
N LEU A 186 9.38 -18.98 -14.52
CA LEU A 186 9.70 -19.97 -15.54
C LEU A 186 8.71 -21.14 -15.49
N SER A 187 8.57 -21.84 -16.62
CA SER A 187 7.78 -23.08 -16.63
C SER A 187 8.52 -24.17 -15.84
N LYS A 188 7.79 -25.14 -15.31
CA LYS A 188 8.42 -26.23 -14.55
C LYS A 188 9.44 -26.97 -15.41
N ALA A 189 9.05 -27.31 -16.63
CA ALA A 189 9.91 -27.99 -17.60
C ALA A 189 11.24 -27.24 -17.81
N ASP A 190 11.17 -25.93 -18.02
CA ASP A 190 12.36 -25.07 -18.16
C ASP A 190 13.19 -25.08 -16.87
N TYR A 191 12.51 -25.13 -15.73
CA TYR A 191 13.21 -25.18 -14.45
C TYR A 191 13.94 -26.51 -14.25
N GLU A 192 13.31 -27.62 -14.61
CA GLU A 192 13.89 -28.96 -14.42
C GLU A 192 15.10 -29.30 -15.32
N LYS A 193 15.20 -28.64 -16.46
CA LYS A 193 16.27 -28.89 -17.43
C LYS A 193 17.58 -28.19 -17.05
N HIS A 194 17.52 -27.27 -16.10
CA HIS A 194 18.70 -26.48 -15.71
C HIS A 194 19.07 -26.72 -14.24
N LYS A 195 20.29 -26.36 -13.87
CA LYS A 195 20.81 -26.69 -12.54
C LYS A 195 21.13 -25.46 -11.69
N VAL A 196 21.87 -24.51 -12.25
CA VAL A 196 22.38 -23.38 -11.46
C VAL A 196 21.56 -22.11 -11.64
N TYR A 197 21.09 -21.55 -10.52
CA TYR A 197 20.26 -20.35 -10.54
C TYR A 197 20.88 -19.25 -9.69
N ALA A 198 21.14 -18.11 -10.31
CA ALA A 198 21.90 -17.05 -9.68
C ALA A 198 21.27 -15.67 -9.84
C ALA A 198 21.24 -15.71 -9.93
N CYS A 199 21.36 -14.88 -8.77
N CYS A 199 21.20 -14.87 -8.89
CA CYS A 199 20.92 -13.50 -8.79
CA CYS A 199 20.83 -13.46 -9.08
C CYS A 199 22.11 -12.59 -8.57
C CYS A 199 22.00 -12.58 -8.70
N GLU A 200 22.41 -11.76 -9.56
N GLU A 200 22.39 -11.70 -9.64
CA GLU A 200 23.54 -10.83 -9.47
C GLU A 200 23.09 -9.40 -9.22
N VAL A 201 23.53 -8.84 -8.09
CA VAL A 201 23.06 -7.55 -7.63
C VAL A 201 24.15 -6.48 -7.69
N THR A 202 23.85 -5.39 -8.39
CA THR A 202 24.74 -4.24 -8.46
C THR A 202 24.07 -3.05 -7.77
N HIS A 203 24.82 -2.42 -6.86
CA HIS A 203 24.33 -1.30 -6.08
C HIS A 203 25.48 -0.45 -5.55
N GLN A 204 25.18 0.84 -5.33
CA GLN A 204 26.18 1.84 -4.94
C GLN A 204 27.11 1.46 -3.78
N GLY A 205 26.58 0.75 -2.77
CA GLY A 205 27.36 0.43 -1.58
C GLY A 205 28.20 -0.84 -1.65
N LEU A 206 28.21 -1.48 -2.81
CA LEU A 206 28.96 -2.70 -3.00
C LEU A 206 30.15 -2.41 -3.91
N SER A 207 31.36 -2.67 -3.40
CA SER A 207 32.59 -2.48 -4.17
C SER A 207 32.64 -3.44 -5.35
N SER A 208 31.99 -4.59 -5.18
CA SER A 208 31.88 -5.61 -6.20
C SER A 208 30.47 -6.20 -6.18
N PRO A 209 29.86 -6.39 -7.37
CA PRO A 209 28.55 -7.03 -7.49
C PRO A 209 28.45 -8.31 -6.65
N VAL A 210 27.33 -8.46 -5.94
CA VAL A 210 27.08 -9.64 -5.11
C VAL A 210 26.22 -10.64 -5.87
N THR A 211 26.66 -11.90 -5.88
CA THR A 211 25.90 -12.98 -6.51
C THR A 211 25.45 -14.00 -5.46
N LYS A 212 24.15 -14.28 -5.43
CA LYS A 212 23.63 -15.36 -4.61
C LYS A 212 23.02 -16.41 -5.52
N SER A 213 23.26 -17.68 -5.19
CA SER A 213 22.88 -18.77 -6.09
C SER A 213 22.56 -20.07 -5.38
N PHE A 214 21.84 -20.95 -6.08
CA PHE A 214 21.54 -22.29 -5.58
C PHE A 214 21.59 -23.30 -6.74
N ASN A 215 21.77 -24.58 -6.38
CA ASN A 215 21.67 -25.69 -7.33
C ASN A 215 20.35 -26.40 -7.15
N ARG A 216 19.63 -26.59 -8.25
CA ARG A 216 18.28 -27.17 -8.20
C ARG A 216 18.24 -28.50 -7.44
N GLY A 217 17.40 -28.56 -6.41
CA GLY A 217 17.22 -29.76 -5.59
C GLY A 217 18.14 -29.78 -4.39
N ASP B 1 -12.61 4.01 21.76
CA ASP B 1 -13.12 5.29 21.20
C ASP B 1 -13.84 5.09 19.86
N VAL B 2 -14.34 6.19 19.29
CA VAL B 2 -15.10 6.12 18.04
C VAL B 2 -14.27 5.44 16.95
N GLN B 3 -14.80 4.39 16.36
CA GLN B 3 -14.13 3.84 15.20
C GLN B 3 -15.10 3.62 14.06
N LEU B 4 -14.56 3.64 12.84
CA LEU B 4 -15.37 3.40 11.65
C LEU B 4 -14.86 2.18 10.92
N GLN B 5 -15.76 1.23 10.66
CA GLN B 5 -15.41 -0.04 9.99
C GLN B 5 -16.20 -0.25 8.71
N GLU B 6 -15.49 -0.35 7.59
CA GLU B 6 -16.14 -0.52 6.30
C GLU B 6 -16.32 -1.97 5.89
N SER B 7 -17.42 -2.23 5.20
CA SER B 7 -17.68 -3.56 4.66
C SER B 7 -18.42 -3.44 3.34
N GLY B 8 -18.37 -4.51 2.55
CA GLY B 8 -18.90 -4.51 1.18
C GLY B 8 -17.91 -5.22 0.26
N PRO B 9 -18.32 -5.59 -0.95
CA PRO B 9 -17.44 -6.31 -1.89
C PRO B 9 -16.27 -5.44 -2.39
N GLY B 10 -15.13 -6.09 -2.62
CA GLY B 10 -13.96 -5.42 -3.19
C GLY B 10 -14.02 -5.43 -4.71
N LEU B 11 -15.15 -5.88 -5.25
CA LEU B 11 -15.27 -6.10 -6.67
C LEU B 11 -16.70 -5.84 -7.09
N VAL B 12 -16.85 -5.04 -8.15
CA VAL B 12 -18.14 -4.67 -8.69
C VAL B 12 -18.03 -4.77 -10.21
N LYS B 13 -19.10 -5.17 -10.89
CA LYS B 13 -19.05 -5.32 -12.35
C LYS B 13 -19.38 -4.01 -13.04
N PRO B 14 -18.72 -3.73 -14.17
CA PRO B 14 -18.98 -2.51 -14.95
C PRO B 14 -20.46 -2.37 -15.22
N SER B 15 -20.98 -1.15 -15.00
CA SER B 15 -22.38 -0.77 -15.28
C SER B 15 -23.31 -1.04 -14.12
N GLN B 16 -22.83 -1.76 -13.11
CA GLN B 16 -23.66 -2.09 -11.94
C GLN B 16 -23.39 -1.12 -10.77
N SER B 17 -24.05 -1.39 -9.64
CA SER B 17 -23.99 -0.52 -8.47
C SER B 17 -22.95 -0.96 -7.48
N LEU B 18 -22.24 0.02 -6.95
CA LEU B 18 -21.29 -0.16 -5.86
C LEU B 18 -21.97 0.23 -4.54
N SER B 19 -21.93 -0.67 -3.56
CA SER B 19 -22.49 -0.41 -2.25
C SER B 19 -21.49 -0.74 -1.16
N LEU B 20 -21.40 0.14 -0.18
CA LEU B 20 -20.44 0.00 0.93
C LEU B 20 -21.16 0.40 2.17
N THR B 21 -20.78 -0.22 3.28
CA THR B 21 -21.37 0.04 4.57
C THR B 21 -20.29 0.58 5.47
N CYS B 22 -20.60 1.63 6.22
CA CYS B 22 -19.70 2.07 7.29
C CYS B 22 -20.40 1.79 8.60
N SER B 23 -19.79 0.94 9.43
CA SER B 23 -20.30 0.64 10.76
C SER B 23 -19.57 1.49 11.75
N VAL B 24 -20.32 2.31 12.45
CA VAL B 24 -19.74 3.19 13.44
C VAL B 24 -19.85 2.53 14.83
N THR B 25 -18.77 2.59 15.60
CA THR B 25 -18.72 2.00 16.93
C THR B 25 -18.36 3.08 17.94
N ASP B 26 -18.92 2.98 19.15
CA ASP B 26 -18.69 3.92 20.26
C ASP B 26 -19.11 5.38 20.00
N TYR B 27 -20.11 5.57 19.14
CA TYR B 27 -20.67 6.89 18.83
C TYR B 27 -21.97 6.73 18.05
N SER B 28 -22.93 7.62 18.29
CA SER B 28 -24.20 7.57 17.57
C SER B 28 -24.16 8.55 16.39
N ILE B 29 -24.53 8.06 15.21
CA ILE B 29 -24.38 8.88 14.00
C ILE B 29 -25.42 10.02 13.93
N THR B 30 -26.40 9.99 14.84
CA THR B 30 -27.45 11.01 14.93
C THR B 30 -27.11 12.11 15.92
N SER B 31 -26.07 11.88 16.73
CA SER B 31 -25.71 12.81 17.79
C SER B 31 -25.05 14.09 17.25
N GLY B 32 -24.22 13.92 16.24
CA GLY B 32 -23.58 15.07 15.63
C GLY B 32 -22.61 14.68 14.54
N TYR B 33 -21.90 15.68 14.04
CA TYR B 33 -20.89 15.53 12.99
C TYR B 33 -21.49 15.30 11.61
N TYR B 34 -20.63 15.39 10.60
CA TYR B 34 -20.99 15.07 9.22
C TYR B 34 -20.26 13.79 8.84
N TRP B 35 -20.97 12.90 8.14
CA TRP B 35 -20.46 11.56 7.88
C TRP B 35 -20.19 11.38 6.38
N ASN B 36 -18.90 11.38 6.03
CA ASN B 36 -18.46 11.48 4.65
C ASN B 36 -18.04 10.17 3.98
N TRP B 37 -18.14 10.15 2.65
CA TRP B 37 -17.46 9.19 1.82
C TRP B 37 -16.44 9.96 0.98
N ILE B 38 -15.21 9.47 1.01
CA ILE B 38 -14.12 10.05 0.26
C ILE B 38 -13.42 8.87 -0.44
N ARG B 39 -12.91 9.08 -1.65
CA ARG B 39 -12.25 7.98 -2.37
C ARG B 39 -10.89 8.39 -2.94
N GLN B 40 -9.98 7.41 -2.96
CA GLN B 40 -8.63 7.65 -3.44
C GLN B 40 -8.35 6.79 -4.67
N PHE B 41 -8.11 7.48 -5.77
CA PHE B 41 -7.77 6.84 -7.04
C PHE B 41 -6.38 6.19 -7.01
N PRO B 42 -6.13 5.22 -7.92
CA PRO B 42 -4.75 4.74 -8.00
C PRO B 42 -3.90 5.94 -8.46
N GLY B 43 -2.80 6.22 -7.78
CA GLY B 43 -2.05 7.45 -8.06
C GLY B 43 -2.29 8.56 -7.06
N ASN B 44 -3.11 8.26 -6.05
CA ASN B 44 -3.18 9.02 -4.80
C ASN B 44 -4.13 10.19 -4.69
N LYS B 45 -4.74 10.59 -5.81
CA LYS B 45 -5.72 11.67 -5.82
C LYS B 45 -6.95 11.33 -4.97
N LEU B 46 -7.25 12.25 -4.05
CA LEU B 46 -8.39 12.15 -3.14
C LEU B 46 -9.57 12.96 -3.65
N GLU B 47 -10.77 12.39 -3.55
CA GLU B 47 -12.00 13.07 -3.96
C GLU B 47 -13.06 12.91 -2.89
N TRP B 48 -13.57 14.04 -2.37
CA TRP B 48 -14.71 14.03 -1.47
C TRP B 48 -15.96 13.71 -2.30
N MET B 49 -16.75 12.73 -1.87
CA MET B 49 -17.92 12.30 -2.65
C MET B 49 -19.21 12.92 -2.17
N GLY B 50 -19.39 12.95 -0.86
CA GLY B 50 -20.60 13.47 -0.27
C GLY B 50 -20.70 13.14 1.20
N TYR B 51 -21.74 13.67 1.87
CA TYR B 51 -22.00 13.31 3.26
C TYR B 51 -23.47 13.08 3.57
N ILE B 52 -23.68 12.51 4.74
CA ILE B 52 -24.97 12.58 5.40
C ILE B 52 -24.67 13.21 6.77
N SER B 53 -25.47 14.20 7.16
CA SER B 53 -25.24 14.88 8.44
C SER B 53 -25.90 14.14 9.59
N TYR B 54 -25.62 14.61 10.80
CA TYR B 54 -26.28 14.12 12.01
C TYR B 54 -27.80 14.05 11.92
N ASP B 55 -28.43 14.93 11.12
CA ASP B 55 -29.89 14.96 10.96
C ASP B 55 -30.44 14.30 9.68
N GLY B 56 -29.56 13.71 8.87
CA GLY B 56 -30.00 12.97 7.70
C GLY B 56 -29.97 13.76 6.41
N SER B 57 -29.50 15.00 6.50
CA SER B 57 -29.31 15.87 5.35
C SER B 57 -28.10 15.39 4.51
N ASN B 58 -28.23 15.52 3.18
CA ASN B 58 -27.20 15.09 2.23
C ASN B 58 -26.59 16.27 1.48
N ASN B 59 -25.37 16.07 0.99
CA ASN B 59 -24.68 17.03 0.13
C ASN B 59 -23.70 16.19 -0.71
N TYR B 60 -23.84 16.25 -2.03
CA TYR B 60 -23.01 15.42 -2.92
C TYR B 60 -22.10 16.24 -3.79
N ASN B 61 -20.93 15.70 -4.10
CA ASN B 61 -20.07 16.32 -5.07
C ASN B 61 -20.80 16.37 -6.40
N PRO B 62 -20.93 17.57 -7.00
CA PRO B 62 -21.63 17.76 -8.27
C PRO B 62 -21.18 16.80 -9.37
N SER B 63 -19.91 16.41 -9.36
CA SER B 63 -19.33 15.46 -10.31
C SER B 63 -20.08 14.14 -10.34
N LEU B 64 -20.75 13.82 -9.24
CA LEU B 64 -21.38 12.51 -9.03
C LEU B 64 -22.91 12.54 -8.83
N LYS B 65 -23.46 13.73 -8.63
CA LYS B 65 -24.84 13.91 -8.11
C LYS B 65 -25.94 13.02 -8.71
N ASN B 66 -25.79 12.63 -9.97
CA ASN B 66 -26.76 11.74 -10.62
C ASN B 66 -26.63 10.25 -10.26
N ARG B 67 -25.49 9.87 -9.68
CA ARG B 67 -25.17 8.46 -9.49
C ARG B 67 -25.08 8.06 -8.02
N ILE B 68 -24.93 9.05 -7.13
CA ILE B 68 -24.59 8.76 -5.74
C ILE B 68 -25.79 8.86 -4.80
N SER B 69 -25.73 8.09 -3.72
CA SER B 69 -26.67 8.20 -2.64
C SER B 69 -25.95 7.79 -1.36
N ILE B 70 -26.10 8.61 -0.32
CA ILE B 70 -25.60 8.27 1.00
C ILE B 70 -26.78 8.23 1.95
N THR B 71 -27.00 7.06 2.55
CA THR B 71 -28.16 6.80 3.39
C THR B 71 -27.67 6.28 4.73
N ARG B 72 -28.57 6.12 5.68
CA ARG B 72 -28.19 5.70 7.02
C ARG B 72 -29.20 4.76 7.69
N ASP B 73 -28.72 4.05 8.72
CA ASP B 73 -29.61 3.36 9.65
C ASP B 73 -29.13 3.66 11.06
N PRO B 74 -29.84 4.59 11.74
CA PRO B 74 -29.49 5.07 13.09
C PRO B 74 -29.46 3.99 14.17
N SER B 75 -30.30 2.96 14.05
CA SER B 75 -30.39 1.92 15.08
C SER B 75 -29.35 0.80 14.92
N LYS B 76 -28.79 0.68 13.73
CA LYS B 76 -27.62 -0.17 13.51
C LYS B 76 -26.34 0.65 13.57
N ASP B 77 -26.49 1.98 13.54
CA ASP B 77 -25.35 2.90 13.65
C ASP B 77 -24.43 2.79 12.41
N GLN B 78 -25.06 2.61 11.26
CA GLN B 78 -24.37 2.51 9.99
C GLN B 78 -24.85 3.58 9.03
N PHE B 79 -23.96 3.99 8.13
CA PHE B 79 -24.38 4.70 6.94
C PHE B 79 -23.73 4.05 5.72
N PHE B 80 -24.27 4.34 4.55
CA PHE B 80 -24.06 3.53 3.37
C PHE B 80 -23.81 4.41 2.16
N LEU B 81 -22.95 3.93 1.27
CA LEU B 81 -22.71 4.58 0.01
C LEU B 81 -23.27 3.72 -1.11
N ASN B 82 -23.99 4.36 -2.02
CA ASN B 82 -24.38 3.69 -3.24
C ASN B 82 -23.91 4.52 -4.41
N LEU B 83 -23.28 3.87 -5.38
CA LEU B 83 -22.87 4.54 -6.60
C LEU B 83 -23.32 3.72 -7.78
N ASN B 84 -24.21 4.28 -8.60
CA ASN B 84 -24.77 3.56 -9.75
C ASN B 84 -23.86 3.61 -10.97
N SER B 85 -24.05 2.64 -11.88
CA SER B 85 -23.46 2.67 -13.22
C SER B 85 -21.95 2.92 -13.20
N VAL B 86 -21.24 2.14 -12.39
CA VAL B 86 -19.79 2.31 -12.24
C VAL B 86 -19.08 1.97 -13.54
N THR B 87 -18.01 2.71 -13.82
CA THR B 87 -17.11 2.41 -14.94
C THR B 87 -15.78 2.03 -14.31
N THR B 88 -14.83 1.65 -15.16
CA THR B 88 -13.45 1.37 -14.75
C THR B 88 -12.83 2.54 -13.97
N GLU B 89 -13.30 3.76 -14.25
CA GLU B 89 -12.79 4.93 -13.60
C GLU B 89 -13.26 5.10 -12.15
N ASP B 90 -14.15 4.22 -11.69
CA ASP B 90 -14.59 4.24 -10.29
C ASP B 90 -13.75 3.31 -9.41
N THR B 91 -12.78 2.65 -10.02
CA THR B 91 -11.86 1.83 -9.24
C THR B 91 -11.09 2.77 -8.31
N ALA B 92 -11.21 2.55 -7.01
CA ALA B 92 -10.63 3.44 -6.02
C ALA B 92 -10.65 2.75 -4.67
N THR B 93 -9.94 3.34 -3.71
CA THR B 93 -10.06 2.97 -2.30
C THR B 93 -11.07 3.91 -1.67
N TYR B 94 -12.10 3.35 -1.05
CA TYR B 94 -13.22 4.11 -0.53
C TYR B 94 -13.11 4.22 0.96
N TYR B 95 -13.14 5.46 1.45
CA TYR B 95 -13.11 5.77 2.89
C TYR B 95 -14.43 6.39 3.37
N CYS B 96 -14.90 5.93 4.53
CA CYS B 96 -15.89 6.69 5.30
C CYS B 96 -15.19 7.48 6.40
N THR B 97 -15.74 8.64 6.74
CA THR B 97 -15.12 9.51 7.74
C THR B 97 -16.15 10.19 8.62
N ARG B 98 -15.75 10.51 9.84
CA ARG B 98 -16.49 11.46 10.66
C ARG B 98 -15.69 12.74 10.68
N GLY B 99 -16.22 13.78 10.04
CA GLY B 99 -15.49 15.02 9.83
C GLY B 99 -14.23 14.75 9.04
N SER B 100 -13.14 15.41 9.41
CA SER B 100 -11.86 15.18 8.77
C SER B 100 -10.93 14.36 9.66
N LEU B 101 -11.34 14.18 10.92
CA LEU B 101 -10.50 13.60 11.96
C LEU B 101 -10.52 12.07 12.04
N VAL B 102 -11.68 11.46 11.83
CA VAL B 102 -11.81 10.02 12.02
C VAL B 102 -12.10 9.33 10.70
N TRP B 103 -11.23 8.42 10.29
CA TRP B 103 -11.34 7.74 9.02
C TRP B 103 -11.53 6.25 9.26
N GLY B 104 -12.34 5.62 8.41
CA GLY B 104 -12.34 4.16 8.32
C GLY B 104 -11.05 3.67 7.70
N GLN B 105 -10.82 2.35 7.75
CA GLN B 105 -9.58 1.74 7.27
C GLN B 105 -9.47 1.75 5.74
N GLY B 106 -10.60 1.89 5.05
CA GLY B 106 -10.61 1.96 3.59
C GLY B 106 -10.87 0.61 2.95
N THR B 107 -11.59 0.60 1.84
CA THR B 107 -11.80 -0.65 1.12
C THR B 107 -11.62 -0.37 -0.35
N LEU B 108 -10.72 -1.13 -0.98
CA LEU B 108 -10.46 -0.98 -2.40
C LEU B 108 -11.59 -1.68 -3.17
N VAL B 109 -12.20 -0.96 -4.10
CA VAL B 109 -13.21 -1.55 -4.95
C VAL B 109 -12.68 -1.49 -6.35
N THR B 110 -12.58 -2.66 -6.97
CA THR B 110 -12.11 -2.78 -8.33
C THR B 110 -13.34 -3.06 -9.20
N VAL B 111 -13.49 -2.22 -10.21
CA VAL B 111 -14.55 -2.36 -11.19
C VAL B 111 -14.04 -3.28 -12.31
N SER B 112 -14.57 -4.49 -12.35
CA SER B 112 -14.09 -5.49 -13.30
C SER B 112 -15.14 -6.56 -13.55
N ALA B 113 -15.13 -7.10 -14.75
CA ALA B 113 -15.99 -8.22 -15.11
C ALA B 113 -15.43 -9.60 -14.65
N ALA B 114 -14.16 -9.63 -14.28
CA ALA B 114 -13.52 -10.86 -13.83
C ALA B 114 -14.02 -11.30 -12.45
N SER B 115 -13.84 -12.58 -12.15
CA SER B 115 -14.28 -13.15 -10.88
C SER B 115 -13.22 -12.99 -9.79
N THR B 116 -13.62 -13.03 -8.51
CA THR B 116 -12.64 -13.09 -7.45
C THR B 116 -11.85 -14.40 -7.55
N LYS B 117 -10.64 -14.39 -7.01
CA LYS B 117 -9.85 -15.60 -6.91
C LYS B 117 -8.92 -15.48 -5.73
N GLY B 118 -8.92 -16.49 -4.86
CA GLY B 118 -8.07 -16.55 -3.68
C GLY B 118 -6.63 -16.84 -4.05
N PRO B 119 -5.68 -16.43 -3.18
CA PRO B 119 -4.28 -16.66 -3.51
C PRO B 119 -3.80 -18.10 -3.31
N SER B 120 -2.75 -18.46 -4.05
CA SER B 120 -1.89 -19.58 -3.70
C SER B 120 -0.73 -19.01 -2.87
N VAL B 121 -0.36 -19.70 -1.79
CA VAL B 121 0.74 -19.24 -0.90
C VAL B 121 1.88 -20.28 -0.85
N PHE B 122 3.07 -19.84 -1.25
CA PHE B 122 4.22 -20.73 -1.33
C PHE B 122 5.31 -20.25 -0.37
N PRO B 123 5.99 -21.18 0.32
CA PRO B 123 7.06 -20.72 1.22
C PRO B 123 8.25 -20.17 0.44
N LEU B 124 8.86 -19.13 1.00
CA LEU B 124 10.19 -18.74 0.58
C LEU B 124 11.12 -19.26 1.68
N ALA B 125 11.80 -20.37 1.38
CA ALA B 125 12.49 -21.14 2.41
C ALA B 125 13.95 -20.72 2.57
N PRO B 126 14.34 -20.37 3.81
CA PRO B 126 15.71 -19.97 4.13
C PRO B 126 16.70 -21.07 3.74
N SER B 127 17.80 -20.67 3.10
CA SER B 127 18.79 -21.62 2.60
C SER B 127 20.17 -21.38 3.21
N GLY B 134 24.32 -14.41 11.33
CA GLY B 134 23.49 -14.60 12.52
C GLY B 134 21.99 -14.50 12.28
N THR B 135 21.60 -13.84 11.19
CA THR B 135 20.19 -13.74 10.83
C THR B 135 19.93 -14.29 9.42
N ALA B 136 18.71 -14.75 9.19
CA ALA B 136 18.29 -15.23 7.88
C ALA B 136 16.95 -14.59 7.49
N ALA B 137 16.73 -14.43 6.20
CA ALA B 137 15.44 -13.97 5.68
C ALA B 137 14.59 -15.16 5.22
N LEU B 138 13.31 -15.10 5.52
CA LEU B 138 12.35 -16.07 4.97
C LEU B 138 11.07 -15.38 4.58
N GLY B 139 10.20 -16.08 3.86
CA GLY B 139 8.96 -15.46 3.44
C GLY B 139 7.90 -16.33 2.80
N CYS B 140 6.90 -15.63 2.28
CA CYS B 140 5.80 -16.25 1.55
C CYS B 140 5.59 -15.56 0.23
N LEU B 141 5.51 -16.35 -0.82
CA LEU B 141 5.14 -15.89 -2.14
C LEU B 141 3.63 -16.06 -2.23
N VAL B 142 2.94 -14.96 -2.52
CA VAL B 142 1.47 -14.92 -2.52
C VAL B 142 1.09 -14.59 -3.93
N LYS B 143 0.51 -15.58 -4.63
CA LYS B 143 0.39 -15.50 -6.07
C LYS B 143 -1.05 -15.77 -6.53
N ASP B 144 -1.39 -15.24 -7.70
CA ASP B 144 -2.62 -15.61 -8.43
C ASP B 144 -3.94 -15.26 -7.74
N TYR B 145 -4.07 -14.03 -7.27
CA TYR B 145 -5.32 -13.59 -6.66
C TYR B 145 -5.90 -12.37 -7.37
N PHE B 146 -7.20 -12.18 -7.18
CA PHE B 146 -7.88 -11.04 -7.76
C PHE B 146 -9.17 -10.84 -6.96
N PRO B 147 -9.54 -9.56 -6.70
CA PRO B 147 -8.72 -8.39 -6.91
C PRO B 147 -7.86 -8.12 -5.66
N GLU B 148 -7.14 -7.01 -5.66
CA GLU B 148 -6.42 -6.54 -4.49
C GLU B 148 -7.43 -6.21 -3.38
N PRO B 149 -6.99 -6.19 -2.11
CA PRO B 149 -5.66 -6.57 -1.62
C PRO B 149 -5.62 -7.92 -0.89
N VAL B 150 -4.41 -8.41 -0.63
CA VAL B 150 -4.20 -9.38 0.46
C VAL B 150 -3.56 -8.61 1.61
N THR B 151 -3.75 -9.10 2.84
CA THR B 151 -2.93 -8.65 3.95
C THR B 151 -2.07 -9.81 4.36
N VAL B 152 -0.86 -9.52 4.81
CA VAL B 152 0.01 -10.56 5.31
C VAL B 152 0.50 -10.20 6.71
N SER B 153 0.28 -11.12 7.64
CA SER B 153 0.86 -11.06 8.97
C SER B 153 1.68 -12.31 9.20
N TRP B 154 2.46 -12.31 10.27
CA TRP B 154 3.33 -13.40 10.60
C TRP B 154 3.07 -13.82 12.03
N ASN B 155 3.05 -15.14 12.24
CA ASN B 155 2.69 -15.74 13.53
C ASN B 155 1.54 -15.00 14.20
N SER B 156 0.46 -14.83 13.43
CA SER B 156 -0.79 -14.22 13.90
C SER B 156 -0.63 -12.82 14.49
N GLY B 157 0.37 -12.09 13.99
CA GLY B 157 0.63 -10.72 14.43
C GLY B 157 1.63 -10.56 15.58
N ALA B 158 2.20 -11.69 16.02
CA ALA B 158 3.21 -11.68 17.09
C ALA B 158 4.57 -11.20 16.58
N LEU B 159 4.84 -11.47 15.30
CA LEU B 159 6.10 -11.09 14.66
C LEU B 159 5.86 -9.98 13.65
N THR B 160 6.27 -8.76 14.01
CA THR B 160 6.06 -7.56 13.18
C THR B 160 7.33 -6.84 12.73
N SER B 161 8.40 -6.97 13.51
CA SER B 161 9.61 -6.22 13.22
C SER B 161 10.46 -6.95 12.18
N GLY B 162 10.96 -6.20 11.20
CA GLY B 162 11.76 -6.78 10.13
C GLY B 162 10.95 -7.33 8.96
N VAL B 163 9.67 -6.96 8.90
CA VAL B 163 8.74 -7.43 7.90
C VAL B 163 8.68 -6.48 6.71
N HIS B 164 8.94 -7.00 5.51
CA HIS B 164 8.63 -6.27 4.28
C HIS B 164 7.62 -7.04 3.44
N THR B 165 6.46 -6.44 3.25
CA THR B 165 5.44 -6.96 2.36
C THR B 165 5.39 -6.01 1.19
N PHE B 166 5.83 -6.51 0.04
CA PHE B 166 5.96 -5.74 -1.18
C PHE B 166 4.61 -5.42 -1.81
N PRO B 167 4.55 -4.34 -2.61
CA PRO B 167 3.33 -4.00 -3.32
C PRO B 167 2.96 -5.08 -4.34
N ALA B 168 1.66 -5.25 -4.56
CA ALA B 168 1.17 -6.21 -5.53
C ALA B 168 1.58 -5.75 -6.91
N VAL B 169 1.91 -6.70 -7.78
CA VAL B 169 2.11 -6.42 -9.19
C VAL B 169 1.10 -7.25 -9.99
N LEU B 170 0.43 -6.63 -10.95
CA LEU B 170 -0.50 -7.36 -11.81
C LEU B 170 0.26 -8.13 -12.91
N GLN B 171 0.22 -9.45 -12.85
CA GLN B 171 0.89 -10.27 -13.85
C GLN B 171 0.13 -10.26 -15.17
N SER B 172 0.76 -10.77 -16.22
CA SER B 172 0.19 -10.82 -17.56
C SER B 172 -1.08 -11.63 -17.63
N SER B 173 -1.28 -12.54 -16.67
CA SER B 173 -2.48 -13.37 -16.56
C SER B 173 -3.70 -12.59 -16.04
N GLY B 174 -3.46 -11.43 -15.44
CA GLY B 174 -4.55 -10.62 -14.89
C GLY B 174 -4.77 -10.90 -13.42
N LEU B 175 -3.80 -11.55 -12.81
CA LEU B 175 -3.85 -11.92 -11.41
C LEU B 175 -2.66 -11.28 -10.69
N TYR B 176 -2.87 -10.88 -9.44
CA TYR B 176 -1.85 -10.17 -8.69
C TYR B 176 -0.92 -11.13 -7.99
N SER B 177 0.31 -10.64 -7.74
CA SER B 177 1.28 -11.39 -7.00
C SER B 177 2.16 -10.48 -6.15
N LEU B 178 2.57 -10.98 -4.98
CA LEU B 178 3.51 -10.29 -4.11
C LEU B 178 4.25 -11.31 -3.23
N SER B 179 5.37 -10.87 -2.63
CA SER B 179 6.00 -11.65 -1.56
C SER B 179 6.04 -10.86 -0.26
N SER B 180 5.95 -11.56 0.87
CA SER B 180 6.20 -10.98 2.18
C SER B 180 7.42 -11.69 2.77
N VAL B 181 8.41 -10.91 3.21
CA VAL B 181 9.61 -11.47 3.83
C VAL B 181 9.80 -10.95 5.26
N VAL B 182 10.54 -11.70 6.06
CA VAL B 182 10.85 -11.30 7.42
C VAL B 182 12.28 -11.76 7.72
N THR B 183 13.04 -10.91 8.41
CA THR B 183 14.37 -11.27 8.86
C THR B 183 14.24 -11.89 10.24
N VAL B 184 14.96 -12.97 10.44
CA VAL B 184 14.74 -13.82 11.58
C VAL B 184 16.10 -14.33 12.09
N PRO B 185 16.23 -14.64 13.40
CA PRO B 185 17.51 -15.18 13.91
C PRO B 185 17.80 -16.54 13.29
N SER B 186 18.98 -16.70 12.71
CA SER B 186 19.36 -17.95 12.04
C SER B 186 19.47 -19.14 12.99
N SER B 187 19.68 -18.86 14.29
CA SER B 187 19.76 -19.90 15.34
C SER B 187 18.38 -20.45 15.72
N SER B 188 17.33 -19.69 15.44
CA SER B 188 15.96 -20.07 15.79
C SER B 188 15.23 -20.91 14.72
N LEU B 189 15.92 -21.22 13.62
CA LEU B 189 15.31 -21.85 12.46
C LEU B 189 14.80 -23.28 12.67
N GLY B 190 15.34 -23.97 13.67
CA GLY B 190 14.94 -25.35 13.95
C GLY B 190 13.97 -25.50 15.11
N THR B 191 13.81 -24.45 15.91
CA THR B 191 13.06 -24.52 17.17
C THR B 191 11.90 -23.52 17.23
N GLN B 192 11.89 -22.56 16.32
CA GLN B 192 10.82 -21.57 16.24
C GLN B 192 9.99 -21.84 14.98
N THR B 193 8.67 -21.67 15.11
CA THR B 193 7.76 -21.84 13.99
C THR B 193 7.47 -20.49 13.34
N TYR B 194 7.59 -20.43 12.02
CA TYR B 194 7.21 -19.23 11.28
C TYR B 194 6.10 -19.57 10.30
N ILE B 195 4.95 -18.94 10.54
CA ILE B 195 3.76 -19.09 9.70
C ILE B 195 3.34 -17.73 9.15
N CYS B 196 3.12 -17.64 7.85
CA CYS B 196 2.52 -16.44 7.28
C CYS B 196 1.01 -16.61 7.17
N ASN B 197 0.28 -15.61 7.66
CA ASN B 197 -1.17 -15.61 7.62
C ASN B 197 -1.62 -14.66 6.53
N VAL B 198 -2.19 -15.21 5.47
CA VAL B 198 -2.63 -14.39 4.36
C VAL B 198 -4.14 -14.28 4.40
N ASN B 199 -4.63 -13.07 4.21
CA ASN B 199 -6.06 -12.83 4.14
C ASN B 199 -6.44 -12.16 2.82
N HIS B 200 -7.40 -12.74 2.13
CA HIS B 200 -7.93 -12.17 0.92
C HIS B 200 -9.41 -11.95 1.16
N LYS B 201 -9.73 -10.78 1.73
CA LYS B 201 -11.09 -10.39 2.04
C LYS B 201 -12.03 -10.44 0.84
N PRO B 202 -11.59 -9.93 -0.33
CA PRO B 202 -12.50 -9.97 -1.48
C PRO B 202 -13.12 -11.35 -1.74
N SER B 203 -12.36 -12.42 -1.51
CA SER B 203 -12.91 -13.78 -1.66
C SER B 203 -13.21 -14.49 -0.35
N ASN B 204 -13.05 -13.80 0.77
CA ASN B 204 -13.26 -14.37 2.13
C ASN B 204 -12.38 -15.59 2.37
N THR B 205 -11.15 -15.52 1.89
CA THR B 205 -10.22 -16.63 2.02
C THR B 205 -9.04 -16.28 2.91
N LYS B 206 -8.72 -17.19 3.84
CA LYS B 206 -7.51 -17.11 4.64
C LYS B 206 -6.64 -18.31 4.31
N VAL B 207 -5.36 -18.06 4.05
CA VAL B 207 -4.39 -19.12 3.87
C VAL B 207 -3.23 -18.92 4.85
N ASP B 208 -2.97 -19.95 5.64
CA ASP B 208 -1.83 -19.95 6.57
C ASP B 208 -0.79 -20.94 6.06
N LYS B 209 0.46 -20.51 6.02
CA LYS B 209 1.52 -21.36 5.50
C LYS B 209 2.72 -21.35 6.43
N LYS B 210 3.11 -22.55 6.87
CA LYS B 210 4.31 -22.74 7.66
C LYS B 210 5.53 -22.67 6.77
N VAL B 211 6.51 -21.85 7.15
CA VAL B 211 7.74 -21.75 6.39
C VAL B 211 8.89 -22.48 7.09
N GLU B 212 9.38 -23.53 6.43
CA GLU B 212 10.40 -24.41 7.00
C GLU B 212 11.70 -24.34 6.19
N PRO B 213 12.85 -24.39 6.87
CA PRO B 213 14.17 -24.47 6.22
C PRO B 213 14.26 -25.64 5.24
N LYS B 214 15.03 -25.46 4.16
CA LYS B 214 15.20 -26.52 3.17
C LYS B 214 16.39 -27.42 3.51
S SO4 C . -14.66 2.33 -19.05
O1 SO4 C . -15.15 1.49 -17.95
O2 SO4 C . -14.00 3.51 -18.51
O3 SO4 C . -13.71 1.58 -19.88
O4 SO4 C . -15.82 2.72 -19.87
#